data_5LVA
#
_entry.id   5LVA
#
_cell.length_a   66.840
_cell.length_b   66.840
_cell.length_c   335.000
_cell.angle_alpha   90.000
_cell.angle_beta   90.000
_cell.angle_gamma   120.000
#
_symmetry.space_group_name_H-M   'P 61 2 2'
#
loop_
_entity.id
_entity.type
_entity.pdbx_description
1 polymer 'NAD(P)H-FMN oxidoreductase'
2 non-polymer 'FLAVIN MONONUCLEOTIDE'
3 water water
#
_entity_poly.entity_id   1
_entity_poly.type   'polypeptide(L)'
_entity_poly.pdbx_seq_one_letter_code
;MKVLVLAFHPNMEQSVVNRAFADTLKDAPGITLRDLYQEYPDEAIDVEKEQKLCEEHDRIVFQFPLYWYSSPPLLKKWLD
HVLLYGWAYGTNGTALRGKEFMVAVSAGAPEEAYQAGGSNHYAISELLRPFQATSNFIGTTYLPPYVFYQAGTAGKSELA
EGATQYREHVLKSF
;
_entity_poly.pdbx_strand_id   A,B
#
# COMPACT_ATOMS: atom_id res chain seq x y z
N MET A 1 19.49 -18.15 -7.55
CA MET A 1 19.78 -19.37 -6.79
C MET A 1 19.15 -19.31 -5.39
N LYS A 2 19.64 -18.43 -4.53
CA LYS A 2 19.07 -18.29 -3.19
C LYS A 2 17.86 -17.36 -3.17
N VAL A 3 16.68 -17.93 -2.95
CA VAL A 3 15.46 -17.16 -3.08
C VAL A 3 14.67 -17.08 -1.78
N LEU A 4 14.48 -15.87 -1.29
CA LEU A 4 13.68 -15.62 -0.10
C LEU A 4 12.25 -15.27 -0.49
N VAL A 5 11.28 -16.11 -0.09
CA VAL A 5 9.88 -15.83 -0.39
C VAL A 5 9.18 -15.37 0.87
N LEU A 6 8.86 -14.10 0.92
CA LEU A 6 8.13 -13.56 2.05
C LEU A 6 6.64 -13.56 1.76
N ALA A 7 5.90 -14.48 2.37
CA ALA A 7 4.47 -14.59 2.12
C ALA A 7 3.67 -13.80 3.13
N PHE A 8 2.77 -12.96 2.63
CA PHE A 8 1.94 -12.12 3.50
C PHE A 8 0.46 -12.40 3.31
N HIS A 9 -0.06 -13.32 4.10
CA HIS A 9 -1.45 -13.67 4.09
C HIS A 9 -1.92 -13.81 5.53
N PRO A 10 -3.00 -13.13 5.89
CA PRO A 10 -3.45 -13.09 7.29
C PRO A 10 -3.74 -14.47 7.87
N ASN A 11 -4.16 -15.40 7.03
CA ASN A 11 -4.47 -16.75 7.47
C ASN A 11 -4.14 -17.76 6.41
N MET A 12 -2.90 -18.22 6.43
CA MET A 12 -2.40 -19.17 5.45
C MET A 12 -3.06 -20.56 5.51
N GLU A 13 -3.82 -20.84 6.57
CA GLU A 13 -4.52 -22.11 6.66
C GLU A 13 -5.85 -22.02 5.95
N GLN A 14 -6.45 -20.84 5.95
CA GLN A 14 -7.73 -20.61 5.31
C GLN A 14 -7.54 -20.23 3.84
N SER A 15 -6.34 -19.78 3.50
CA SER A 15 -5.97 -19.41 2.14
C SER A 15 -6.22 -20.56 1.18
N VAL A 16 -6.69 -20.26 -0.02
CA VAL A 16 -6.79 -21.28 -1.04
C VAL A 16 -5.65 -21.18 -2.04
N VAL A 17 -5.51 -20.01 -2.67
CA VAL A 17 -4.56 -19.83 -3.77
C VAL A 17 -3.12 -19.73 -3.32
N ASN A 18 -2.84 -18.82 -2.40
CA ASN A 18 -1.49 -18.62 -1.93
C ASN A 18 -0.94 -19.83 -1.22
N ARG A 19 -1.82 -20.54 -0.53
CA ARG A 19 -1.47 -21.80 0.11
C ARG A 19 -0.96 -22.81 -0.92
N ALA A 20 -1.71 -22.96 -2.00
CA ALA A 20 -1.33 -23.86 -3.09
C ALA A 20 0.00 -23.46 -3.73
N PHE A 21 0.22 -22.17 -3.86
CA PHE A 21 1.44 -21.67 -4.47
C PHE A 21 2.62 -21.95 -3.56
N ALA A 22 2.46 -21.60 -2.29
CA ALA A 22 3.48 -21.86 -1.29
C ALA A 22 3.86 -23.34 -1.20
N ASP A 23 2.88 -24.23 -1.32
CA ASP A 23 3.12 -25.67 -1.20
C ASP A 23 4.14 -26.21 -2.18
N THR A 24 4.19 -25.60 -3.36
CA THR A 24 5.04 -26.09 -4.43
C THR A 24 6.52 -25.80 -4.19
N LEU A 25 6.83 -25.03 -3.15
CA LEU A 25 8.20 -24.62 -2.88
C LEU A 25 8.82 -25.22 -1.59
N LYS A 26 8.06 -26.05 -0.88
CA LYS A 26 8.51 -26.61 0.40
C LYS A 26 9.59 -27.68 0.27
N ASP A 27 10.31 -27.69 -0.84
CA ASP A 27 11.29 -28.75 -1.08
C ASP A 27 12.24 -28.34 -2.19
N ALA A 28 11.92 -27.24 -2.86
CA ALA A 28 12.84 -26.69 -3.84
C ALA A 28 14.10 -26.23 -3.11
N PRO A 29 15.25 -26.78 -3.47
CA PRO A 29 16.46 -26.26 -2.85
C PRO A 29 16.64 -24.80 -3.24
N GLY A 30 17.25 -24.02 -2.36
CA GLY A 30 17.45 -22.61 -2.62
C GLY A 30 16.33 -21.74 -2.09
N ILE A 31 15.14 -22.30 -1.95
CA ILE A 31 14.00 -21.55 -1.48
C ILE A 31 13.91 -21.51 0.02
N THR A 32 13.79 -20.31 0.56
CA THR A 32 13.42 -20.08 1.94
C THR A 32 12.01 -19.49 1.98
N LEU A 33 11.01 -20.30 2.30
CA LEU A 33 9.66 -19.75 2.36
C LEU A 33 9.34 -19.38 3.79
N ARG A 34 8.65 -18.26 3.96
CA ARG A 34 8.28 -17.78 5.27
C ARG A 34 6.84 -17.28 5.26
N ASP A 35 6.15 -17.52 6.36
CA ASP A 35 4.78 -17.10 6.57
C ASP A 35 4.82 -16.04 7.64
N LEU A 36 4.81 -14.78 7.21
CA LEU A 36 5.10 -13.71 8.15
C LEU A 36 4.01 -13.44 9.17
N TYR A 37 2.74 -13.58 8.78
CA TYR A 37 1.65 -13.41 9.72
C TYR A 37 1.71 -14.48 10.81
N GLN A 38 2.17 -15.67 10.42
CA GLN A 38 2.39 -16.75 11.35
C GLN A 38 3.52 -16.44 12.33
N GLU A 39 4.64 -15.92 11.82
CA GLU A 39 5.78 -15.65 12.69
C GLU A 39 5.59 -14.44 13.56
N TYR A 40 4.83 -13.46 13.08
CA TYR A 40 4.58 -12.27 13.88
C TYR A 40 3.09 -12.06 14.04
N PRO A 41 2.44 -12.87 14.89
CA PRO A 41 1.00 -12.78 15.06
C PRO A 41 0.55 -11.46 15.69
N ASP A 42 1.44 -10.82 16.43
CA ASP A 42 1.09 -9.54 17.01
C ASP A 42 1.70 -8.41 16.19
N GLU A 43 2.14 -8.75 14.99
CA GLU A 43 2.76 -7.82 14.03
C GLU A 43 3.99 -7.10 14.58
N ALA A 44 4.61 -7.65 15.61
CA ALA A 44 5.84 -7.09 16.15
C ALA A 44 7.03 -7.69 15.43
N ILE A 45 7.61 -6.95 14.49
CA ILE A 45 8.59 -7.50 13.57
C ILE A 45 10.01 -7.43 14.12
N ASP A 46 10.75 -8.51 13.97
CA ASP A 46 12.16 -8.56 14.35
C ASP A 46 12.97 -7.97 13.19
N VAL A 47 13.26 -6.68 13.28
CA VAL A 47 13.85 -5.96 12.17
C VAL A 47 15.18 -6.56 11.73
N GLU A 48 16.05 -6.80 12.71
CA GLU A 48 17.38 -7.32 12.44
C GLU A 48 17.32 -8.69 11.78
N LYS A 49 16.40 -9.51 12.25
CA LYS A 49 16.18 -10.84 11.68
C LYS A 49 15.83 -10.75 10.21
N GLU A 50 14.87 -9.88 9.89
CA GLU A 50 14.42 -9.68 8.53
C GLU A 50 15.55 -9.15 7.65
N GLN A 51 16.22 -8.10 8.11
CA GLN A 51 17.38 -7.57 7.41
C GLN A 51 18.40 -8.66 7.11
N LYS A 52 18.72 -9.48 8.11
CA LYS A 52 19.75 -10.50 7.97
C LYS A 52 19.38 -11.56 6.95
N LEU A 53 18.08 -11.81 6.82
CA LEU A 53 17.62 -12.81 5.87
C LEU A 53 17.70 -12.27 4.45
N CYS A 54 17.29 -11.02 4.26
CA CYS A 54 17.44 -10.36 2.96
C CYS A 54 18.89 -10.40 2.51
N GLU A 55 19.79 -10.04 3.42
CA GLU A 55 21.22 -10.09 3.16
C GLU A 55 21.71 -11.45 2.64
N GLU A 56 21.14 -12.53 3.15
CA GLU A 56 21.63 -13.85 2.86
C GLU A 56 21.06 -14.46 1.57
N HIS A 57 20.10 -13.81 0.95
CA HIS A 57 19.52 -14.34 -0.29
C HIS A 57 19.72 -13.41 -1.48
N ASP A 58 19.66 -13.97 -2.68
CA ASP A 58 19.98 -13.24 -3.90
C ASP A 58 18.75 -12.58 -4.49
N ARG A 59 17.59 -13.15 -4.22
CA ARG A 59 16.33 -12.67 -4.75
C ARG A 59 15.28 -12.64 -3.66
N ILE A 60 14.51 -11.57 -3.57
CA ILE A 60 13.45 -11.46 -2.58
C ILE A 60 12.08 -11.38 -3.25
N VAL A 61 11.19 -12.29 -2.86
CA VAL A 61 9.86 -12.40 -3.46
C VAL A 61 8.79 -12.06 -2.46
N PHE A 62 8.01 -11.03 -2.75
CA PHE A 62 6.90 -10.66 -1.89
C PHE A 62 5.64 -11.31 -2.42
N GLN A 63 5.09 -12.26 -1.66
CA GLN A 63 3.91 -12.99 -2.07
C GLN A 63 2.72 -12.59 -1.21
N PHE A 64 1.64 -12.17 -1.85
CA PHE A 64 0.47 -11.74 -1.11
C PHE A 64 -0.76 -11.75 -1.99
N PRO A 65 -1.94 -11.75 -1.37
CA PRO A 65 -3.14 -11.52 -2.18
C PRO A 65 -3.32 -10.04 -2.42
N LEU A 66 -3.89 -9.68 -3.57
CA LEU A 66 -4.23 -8.31 -3.85
C LEU A 66 -5.43 -7.89 -3.01
N TYR A 67 -5.18 -6.99 -2.07
CA TYR A 67 -6.21 -6.41 -1.23
C TYR A 67 -6.31 -4.94 -1.53
N TRP A 68 -7.48 -4.49 -1.97
CA TRP A 68 -7.71 -3.11 -2.42
C TRP A 68 -6.54 -2.57 -3.24
N TYR A 69 -6.14 -3.38 -4.22
CA TYR A 69 -5.15 -3.06 -5.22
C TYR A 69 -3.78 -2.83 -4.58
N SER A 70 -3.67 -3.24 -3.34
CA SER A 70 -2.39 -3.20 -2.64
C SER A 70 -2.17 -4.54 -1.92
N SER A 71 -1.32 -4.54 -0.91
CA SER A 71 -1.00 -5.75 -0.17
C SER A 71 -1.74 -5.76 1.18
N PRO A 72 -1.69 -6.89 1.92
CA PRO A 72 -2.13 -6.84 3.31
C PRO A 72 -1.27 -5.89 4.14
N PRO A 73 -1.79 -5.36 5.25
CA PRO A 73 -1.05 -4.31 5.93
C PRO A 73 0.28 -4.73 6.57
N LEU A 74 0.53 -6.01 6.78
CA LEU A 74 1.77 -6.41 7.43
C LEU A 74 2.98 -6.19 6.52
N LEU A 75 2.76 -6.29 5.22
CA LEU A 75 3.81 -5.97 4.27
C LEU A 75 4.16 -4.49 4.29
N LYS A 76 3.14 -3.63 4.33
CA LYS A 76 3.38 -2.20 4.43
C LYS A 76 4.19 -1.85 5.67
N LYS A 77 3.82 -2.45 6.80
CA LYS A 77 4.56 -2.32 8.05
C LYS A 77 5.97 -2.89 7.94
N TRP A 78 6.11 -4.00 7.24
CA TRP A 78 7.41 -4.58 6.97
C TRP A 78 8.33 -3.61 6.22
N LEU A 79 7.84 -3.00 5.16
CA LEU A 79 8.62 -2.03 4.41
C LEU A 79 9.05 -0.89 5.31
N ASP A 80 8.08 -0.33 6.02
CA ASP A 80 8.33 0.82 6.87
C ASP A 80 9.37 0.54 7.92
N HIS A 81 9.29 -0.65 8.53
CA HIS A 81 10.09 -0.95 9.70
C HIS A 81 11.43 -1.57 9.37
N VAL A 82 11.50 -2.29 8.25
CA VAL A 82 12.73 -3.00 7.91
C VAL A 82 13.68 -2.19 7.02
N LEU A 83 13.15 -1.48 6.03
CA LEU A 83 13.98 -0.72 5.09
C LEU A 83 14.48 0.61 5.65
N LEU A 84 15.55 0.56 6.42
CA LEU A 84 16.00 1.71 7.19
C LEU A 84 17.22 2.43 6.63
N TYR A 85 17.35 3.70 7.01
CA TYR A 85 18.47 4.53 6.66
C TYR A 85 19.77 3.84 7.08
N GLY A 86 20.75 3.82 6.21
CA GLY A 86 22.01 3.20 6.56
C GLY A 86 22.03 1.71 6.31
N TRP A 87 20.90 1.15 5.89
CA TRP A 87 20.86 -0.25 5.54
C TRP A 87 20.33 -0.45 4.14
N ALA A 88 19.14 0.06 3.89
CA ALA A 88 18.51 -0.13 2.61
C ALA A 88 18.76 1.09 1.72
N TYR A 89 18.85 2.25 2.35
CA TYR A 89 19.15 3.47 1.64
C TYR A 89 19.95 4.37 2.54
N GLY A 90 20.32 5.52 2.03
CA GLY A 90 21.09 6.44 2.82
C GLY A 90 22.55 6.22 2.57
N THR A 91 23.38 6.89 3.36
CA THR A 91 24.81 6.99 3.09
C THR A 91 25.46 5.61 3.01
N ASN A 92 25.28 4.80 4.04
CA ASN A 92 25.84 3.45 4.02
C ASN A 92 24.84 2.43 3.47
N GLY A 93 23.62 2.87 3.22
CA GLY A 93 22.51 1.98 2.94
C GLY A 93 22.56 1.25 1.62
N THR A 94 23.39 0.24 1.54
CA THR A 94 23.64 -0.42 0.27
C THR A 94 23.43 -1.96 0.31
N ALA A 95 22.84 -2.46 1.39
CA ALA A 95 22.76 -3.90 1.64
C ALA A 95 21.96 -4.67 0.60
N LEU A 96 21.02 -3.99 -0.04
CA LEU A 96 20.14 -4.65 -0.98
C LEU A 96 20.50 -4.34 -2.43
N ARG A 97 21.49 -3.49 -2.62
CA ARG A 97 21.80 -3.06 -3.97
C ARG A 97 22.31 -4.24 -4.76
N GLY A 98 21.67 -4.52 -5.89
CA GLY A 98 22.10 -5.61 -6.75
C GLY A 98 21.20 -6.83 -6.70
N LYS A 99 20.49 -7.01 -5.60
CA LYS A 99 19.60 -8.16 -5.43
C LYS A 99 18.36 -8.03 -6.30
N GLU A 100 17.71 -9.14 -6.60
CA GLU A 100 16.48 -9.12 -7.37
C GLU A 100 15.26 -8.96 -6.47
N PHE A 101 14.23 -8.35 -7.02
CA PHE A 101 13.02 -7.96 -6.31
C PHE A 101 11.85 -8.36 -7.17
N MET A 102 10.98 -9.23 -6.69
CA MET A 102 9.80 -9.51 -7.47
C MET A 102 8.54 -9.68 -6.60
N VAL A 103 7.41 -9.50 -7.23
CA VAL A 103 6.12 -9.57 -6.57
C VAL A 103 5.36 -10.76 -7.12
N ALA A 104 4.75 -11.54 -6.25
CA ALA A 104 3.84 -12.61 -6.68
C ALA A 104 2.49 -12.35 -6.06
N VAL A 105 1.51 -12.01 -6.87
CA VAL A 105 0.26 -11.50 -6.34
C VAL A 105 -0.91 -12.21 -7.00
N SER A 106 -1.91 -12.51 -6.19
CA SER A 106 -3.11 -13.14 -6.69
C SER A 106 -4.26 -12.13 -6.64
N ALA A 107 -5.13 -12.16 -7.64
CA ALA A 107 -6.22 -11.19 -7.65
C ALA A 107 -7.53 -11.88 -7.96
N GLY A 108 -8.60 -11.44 -7.29
CA GLY A 108 -9.91 -12.01 -7.48
C GLY A 108 -10.51 -11.77 -8.85
N ALA A 109 -10.30 -10.57 -9.38
CA ALA A 109 -10.91 -10.16 -10.63
C ALA A 109 -10.23 -10.81 -11.84
N PRO A 110 -10.93 -10.83 -12.98
CA PRO A 110 -10.31 -11.43 -14.15
C PRO A 110 -9.22 -10.53 -14.74
N GLU A 111 -8.36 -11.09 -15.59
CA GLU A 111 -7.33 -10.33 -16.24
C GLU A 111 -7.91 -9.19 -17.10
N GLU A 112 -9.01 -9.46 -17.80
CA GLU A 112 -9.75 -8.49 -18.59
C GLU A 112 -10.06 -7.21 -17.83
N ALA A 113 -10.20 -7.29 -16.53
CA ALA A 113 -10.54 -6.10 -15.74
C ALA A 113 -9.36 -5.13 -15.57
N TYR A 114 -8.14 -5.65 -15.64
CA TYR A 114 -6.96 -4.84 -15.37
C TYR A 114 -6.32 -4.28 -16.65
N GLN A 115 -7.01 -3.31 -17.23
CA GLN A 115 -6.54 -2.63 -18.44
C GLN A 115 -7.43 -1.43 -18.70
N ALA A 116 -6.94 -0.51 -19.51
CA ALA A 116 -7.76 0.62 -19.93
C ALA A 116 -8.90 0.08 -20.77
N GLY A 117 -10.13 0.46 -20.42
CA GLY A 117 -11.29 -0.11 -21.07
C GLY A 117 -11.90 -1.28 -20.31
N GLY A 118 -11.14 -1.82 -19.35
CA GLY A 118 -11.62 -2.88 -18.48
C GLY A 118 -12.21 -2.31 -17.20
N SER A 119 -12.89 -3.17 -16.43
CA SER A 119 -13.69 -2.72 -15.31
C SER A 119 -12.88 -2.14 -14.15
N ASN A 120 -11.61 -2.54 -14.05
CA ASN A 120 -10.73 -1.93 -13.06
C ASN A 120 -9.81 -0.87 -13.65
N HIS A 121 -9.82 -0.73 -14.98
CA HIS A 121 -9.30 0.44 -15.69
C HIS A 121 -7.77 0.58 -15.77
N TYR A 122 -7.03 -0.12 -14.93
CA TYR A 122 -5.59 0.01 -14.92
C TYR A 122 -4.89 -1.35 -14.99
N ALA A 123 -3.79 -1.43 -15.74
CA ALA A 123 -3.00 -2.64 -15.78
C ALA A 123 -2.34 -2.90 -14.43
N ILE A 124 -2.04 -4.17 -14.14
CA ILE A 124 -1.43 -4.54 -12.86
C ILE A 124 -0.09 -3.82 -12.64
N SER A 125 0.67 -3.63 -13.72
CA SER A 125 1.90 -2.85 -13.69
C SER A 125 1.73 -1.46 -13.14
N GLU A 126 0.56 -0.88 -13.38
CA GLU A 126 0.24 0.43 -12.84
C GLU A 126 -0.06 0.37 -11.36
N LEU A 127 -0.84 -0.62 -10.96
CA LEU A 127 -1.27 -0.75 -9.58
C LEU A 127 -0.11 -1.11 -8.64
N LEU A 128 0.83 -1.88 -9.14
CA LEU A 128 1.95 -2.28 -8.31
C LEU A 128 3.08 -1.26 -8.26
N ARG A 129 2.83 -0.05 -8.76
CA ARG A 129 3.92 0.90 -8.86
C ARG A 129 4.57 1.30 -7.54
N PRO A 130 3.79 1.39 -6.44
CA PRO A 130 4.50 1.64 -5.18
C PRO A 130 5.62 0.65 -4.90
N PHE A 131 5.42 -0.61 -5.26
CA PHE A 131 6.42 -1.62 -4.94
C PHE A 131 7.62 -1.51 -5.85
N GLN A 132 7.39 -1.14 -7.11
CA GLN A 132 8.46 -0.93 -8.08
C GLN A 132 9.32 0.28 -7.71
N ALA A 133 8.68 1.33 -7.24
CA ALA A 133 9.37 2.50 -6.77
C ALA A 133 10.22 2.19 -5.54
N THR A 134 9.70 1.36 -4.66
CA THR A 134 10.44 0.86 -3.51
C THR A 134 11.70 0.11 -3.95
N SER A 135 11.51 -0.84 -4.86
CA SER A 135 12.62 -1.51 -5.49
C SER A 135 13.65 -0.52 -6.02
N ASN A 136 13.17 0.42 -6.85
CA ASN A 136 14.03 1.43 -7.46
C ASN A 136 14.91 2.17 -6.46
N PHE A 137 14.30 2.61 -5.36
CA PHE A 137 14.98 3.42 -4.36
C PHE A 137 16.03 2.64 -3.58
N ILE A 138 15.81 1.35 -3.35
CA ILE A 138 16.71 0.61 -2.48
C ILE A 138 17.80 -0.11 -3.26
N GLY A 139 17.72 -0.05 -4.59
CA GLY A 139 18.80 -0.54 -5.41
C GLY A 139 18.65 -1.93 -5.97
N THR A 140 17.46 -2.50 -5.84
CA THR A 140 17.24 -3.84 -6.34
C THR A 140 16.78 -3.82 -7.79
N THR A 141 16.90 -4.95 -8.48
CA THR A 141 16.44 -5.08 -9.85
C THR A 141 15.01 -5.58 -9.88
N TYR A 142 14.10 -4.79 -10.46
CA TYR A 142 12.69 -5.15 -10.46
C TYR A 142 12.35 -6.12 -11.58
N LEU A 143 11.97 -7.33 -11.19
CA LEU A 143 11.61 -8.40 -12.11
C LEU A 143 10.12 -8.38 -12.43
N PRO A 144 9.70 -8.95 -13.56
CA PRO A 144 8.28 -8.99 -13.87
C PRO A 144 7.52 -9.75 -12.80
N PRO A 145 6.34 -9.27 -12.40
CA PRO A 145 5.65 -9.96 -11.31
C PRO A 145 5.11 -11.32 -11.73
N TYR A 146 4.75 -12.13 -10.74
CA TYR A 146 3.87 -13.24 -11.03
C TYR A 146 2.47 -12.86 -10.61
N VAL A 147 1.53 -12.96 -11.53
CA VAL A 147 0.17 -12.55 -11.27
C VAL A 147 -0.79 -13.67 -11.58
N PHE A 148 -1.71 -13.94 -10.67
CA PHE A 148 -2.72 -14.94 -10.91
C PHE A 148 -4.07 -14.31 -10.73
N TYR A 149 -4.88 -14.38 -11.78
CA TYR A 149 -6.17 -13.74 -11.82
C TYR A 149 -7.28 -14.76 -11.56
N GLN A 150 -8.48 -14.28 -11.29
CA GLN A 150 -9.63 -15.15 -11.05
C GLN A 150 -9.40 -16.03 -9.83
N ALA A 151 -8.59 -15.53 -8.90
CA ALA A 151 -8.17 -16.27 -7.74
C ALA A 151 -9.34 -16.66 -6.84
N GLY A 152 -9.48 -17.95 -6.57
CA GLY A 152 -10.61 -18.46 -5.81
C GLY A 152 -11.74 -19.06 -6.61
N THR A 153 -11.94 -18.57 -7.83
CA THR A 153 -13.06 -19.00 -8.66
C THR A 153 -12.59 -19.52 -10.03
N ALA A 154 -11.32 -19.86 -10.14
CA ALA A 154 -10.75 -20.22 -11.44
C ALA A 154 -10.89 -21.69 -11.75
N GLY A 155 -11.04 -22.53 -10.73
CA GLY A 155 -11.21 -23.95 -10.95
C GLY A 155 -10.04 -24.77 -10.44
N LYS A 156 -10.32 -26.04 -10.16
CA LYS A 156 -9.36 -26.93 -9.52
C LYS A 156 -8.11 -27.10 -10.35
N SER A 157 -8.28 -27.32 -11.65
CA SER A 157 -7.17 -27.68 -12.50
C SER A 157 -6.40 -26.45 -12.87
N GLU A 158 -7.14 -25.38 -13.14
CA GLU A 158 -6.56 -24.08 -13.44
C GLU A 158 -5.64 -23.64 -12.32
N LEU A 159 -6.10 -23.82 -11.09
CA LEU A 159 -5.31 -23.45 -9.92
C LEU A 159 -4.04 -24.27 -9.85
N ALA A 160 -4.12 -25.53 -10.28
CA ALA A 160 -2.96 -26.38 -10.24
C ALA A 160 -1.95 -25.93 -11.29
N GLU A 161 -2.43 -25.62 -12.49
CA GLU A 161 -1.58 -25.08 -13.52
C GLU A 161 -1.04 -23.70 -13.13
N GLY A 162 -1.83 -22.94 -12.38
CA GLY A 162 -1.38 -21.66 -11.89
C GLY A 162 -0.24 -21.84 -10.91
N ALA A 163 -0.34 -22.85 -10.06
CA ALA A 163 0.68 -23.12 -9.06
C ALA A 163 1.99 -23.53 -9.71
N THR A 164 1.92 -24.40 -10.70
CA THR A 164 3.15 -24.84 -11.33
C THR A 164 3.78 -23.68 -12.10
N GLN A 165 2.94 -22.76 -12.57
CA GLN A 165 3.43 -21.59 -13.29
C GLN A 165 4.09 -20.62 -12.34
N TYR A 166 3.54 -20.53 -11.13
CA TYR A 166 4.12 -19.72 -10.08
C TYR A 166 5.52 -20.22 -9.78
N ARG A 167 5.66 -21.53 -9.63
CA ARG A 167 6.93 -22.13 -9.27
C ARG A 167 7.99 -21.86 -10.33
N GLU A 168 7.61 -21.99 -11.59
CA GLU A 168 8.56 -21.78 -12.65
C GLU A 168 9.02 -20.33 -12.68
N HIS A 169 8.09 -19.42 -12.44
CA HIS A 169 8.37 -18.00 -12.52
C HIS A 169 9.30 -17.53 -11.43
N VAL A 170 9.06 -18.01 -10.22
CA VAL A 170 9.85 -17.64 -9.06
C VAL A 170 11.28 -18.16 -9.17
N LEU A 171 11.47 -19.23 -9.94
CA LEU A 171 12.78 -19.87 -10.05
C LEU A 171 13.47 -19.49 -11.35
N LYS A 172 12.71 -18.88 -12.24
CA LYS A 172 13.20 -18.43 -13.54
C LYS A 172 14.35 -17.43 -13.43
N SER A 173 15.29 -17.51 -14.34
CA SER A 173 16.36 -16.52 -14.41
C SER A 173 16.04 -15.52 -15.53
N PHE A 174 16.30 -14.25 -15.29
CA PHE A 174 15.78 -13.20 -16.15
C PHE A 174 16.85 -12.42 -16.87
N VAL B 3 -17.14 17.35 5.67
CA VAL B 3 -15.91 16.71 5.25
C VAL B 3 -15.28 15.93 6.37
N LEU B 4 -14.96 14.67 6.11
CA LEU B 4 -14.31 13.81 7.09
C LEU B 4 -12.85 13.65 6.77
N VAL B 5 -11.98 14.03 7.69
CA VAL B 5 -10.55 13.93 7.45
C VAL B 5 -9.93 12.92 8.39
N LEU B 6 -9.57 11.77 7.84
CA LEU B 6 -8.98 10.69 8.60
C LEU B 6 -7.46 10.72 8.50
N ALA B 7 -6.78 11.20 9.53
CA ALA B 7 -5.33 11.35 9.45
C ALA B 7 -4.58 10.13 10.01
N PHE B 8 -3.62 9.63 9.25
CA PHE B 8 -2.89 8.44 9.61
C PHE B 8 -1.42 8.69 9.77
N HIS B 9 -0.97 8.99 10.99
CA HIS B 9 0.46 9.16 11.25
C HIS B 9 0.88 8.37 12.48
N PRO B 10 1.86 7.47 12.32
CA PRO B 10 2.23 6.52 13.37
C PRO B 10 2.94 7.17 14.53
N ASN B 11 3.21 8.47 14.39
CA ASN B 11 3.98 9.23 15.35
C ASN B 11 3.59 10.71 15.31
N MET B 12 2.33 11.01 15.56
CA MET B 12 1.83 12.38 15.42
C MET B 12 2.57 13.38 16.30
N GLU B 13 3.17 12.90 17.38
CA GLU B 13 3.80 13.82 18.32
C GLU B 13 5.21 14.17 17.91
N GLN B 14 5.79 13.37 17.02
CA GLN B 14 7.07 13.71 16.41
C GLN B 14 6.84 14.39 15.05
N SER B 15 5.60 14.40 14.60
CA SER B 15 5.26 14.87 13.27
C SER B 15 5.40 16.38 13.14
N VAL B 16 5.93 16.80 12.01
CA VAL B 16 6.04 18.21 11.71
C VAL B 16 4.94 18.62 10.76
N VAL B 17 4.98 18.07 9.55
CA VAL B 17 4.08 18.52 8.50
C VAL B 17 2.63 18.16 8.78
N ASN B 18 2.38 16.88 8.99
CA ASN B 18 1.01 16.40 9.15
C ASN B 18 0.33 16.95 10.36
N ARG B 19 1.09 17.12 11.44
CA ARG B 19 0.59 17.75 12.64
C ARG B 19 0.14 19.18 12.34
N ALA B 20 1.05 19.95 11.76
CA ALA B 20 0.77 21.31 11.34
C ALA B 20 -0.44 21.39 10.44
N PHE B 21 -0.55 20.43 9.52
CA PHE B 21 -1.69 20.36 8.62
C PHE B 21 -2.98 20.07 9.37
N ALA B 22 -2.94 19.13 10.31
CA ALA B 22 -4.11 18.83 11.13
C ALA B 22 -4.51 20.04 11.96
N ASP B 23 -3.53 20.75 12.53
CA ASP B 23 -3.79 21.96 13.31
C ASP B 23 -4.64 23.00 12.60
N THR B 24 -4.44 23.14 11.29
CA THR B 24 -5.06 24.23 10.55
C THR B 24 -6.54 23.95 10.31
N LEU B 25 -6.94 22.70 10.51
CA LEU B 25 -8.35 22.32 10.35
C LEU B 25 -9.06 22.06 11.67
N LYS B 26 -8.31 22.17 12.77
CA LYS B 26 -8.80 22.01 14.15
C LYS B 26 -10.13 22.72 14.46
N ASP B 27 -10.68 23.44 13.49
CA ASP B 27 -11.80 24.32 13.77
C ASP B 27 -12.65 24.51 12.51
N ALA B 28 -11.99 24.55 11.36
CA ALA B 28 -12.62 24.83 10.05
C ALA B 28 -14.04 24.27 9.92
N PRO B 29 -14.93 25.02 9.23
CA PRO B 29 -16.38 24.83 9.22
C PRO B 29 -16.87 23.38 9.18
N GLY B 30 -16.78 22.73 8.04
CA GLY B 30 -17.41 21.42 7.89
C GLY B 30 -16.51 20.25 8.23
N ILE B 31 -15.36 20.53 8.82
CA ILE B 31 -14.34 19.52 9.03
C ILE B 31 -14.51 18.72 10.31
N THR B 32 -14.62 17.41 10.16
CA THR B 32 -14.41 16.49 11.27
C THR B 32 -13.06 15.82 11.06
N LEU B 33 -12.09 16.17 11.89
CA LEU B 33 -10.74 15.63 11.74
C LEU B 33 -10.42 14.67 12.86
N ARG B 34 -9.87 13.52 12.47
CA ARG B 34 -9.56 12.47 13.44
C ARG B 34 -8.12 12.01 13.30
N ASP B 35 -7.56 11.57 14.43
CA ASP B 35 -6.21 11.08 14.52
C ASP B 35 -6.34 9.61 14.84
N LEU B 36 -6.26 8.77 13.80
CA LEU B 36 -6.58 7.36 13.97
C LEU B 36 -5.57 6.53 14.74
N TYR B 37 -4.30 6.86 14.67
CA TYR B 37 -3.33 6.16 15.50
C TYR B 37 -3.52 6.54 16.97
N GLN B 38 -4.14 7.68 17.24
CA GLN B 38 -4.40 8.05 18.61
C GLN B 38 -5.64 7.35 19.11
N GLU B 39 -6.62 7.17 18.23
CA GLU B 39 -7.85 6.48 18.59
C GLU B 39 -7.70 4.95 18.66
N TYR B 40 -6.87 4.39 17.79
CA TYR B 40 -6.62 2.96 17.85
C TYR B 40 -5.12 2.64 17.97
N PRO B 41 -4.53 2.99 19.12
CA PRO B 41 -3.10 2.77 19.34
C PRO B 41 -2.68 1.29 19.23
N ASP B 42 -3.63 0.38 19.35
CA ASP B 42 -3.33 -1.03 19.16
C ASP B 42 -3.79 -1.49 17.78
N GLU B 43 -4.21 -0.53 16.96
CA GLU B 43 -4.67 -0.80 15.60
C GLU B 43 -5.90 -1.69 15.54
N ALA B 44 -6.69 -1.69 16.60
CA ALA B 44 -7.93 -2.43 16.61
C ALA B 44 -9.08 -1.51 16.30
N ILE B 45 -9.52 -1.52 15.04
CA ILE B 45 -10.48 -0.55 14.55
C ILE B 45 -11.94 -0.93 14.85
N ASP B 46 -12.68 0.03 15.39
CA ASP B 46 -14.11 -0.08 15.55
C ASP B 46 -14.78 0.17 14.19
N VAL B 47 -15.09 -0.91 13.47
CA VAL B 47 -15.59 -0.81 12.11
C VAL B 47 -16.92 -0.09 12.01
N GLU B 48 -17.82 -0.38 12.93
CA GLU B 48 -19.14 0.24 12.91
C GLU B 48 -19.03 1.74 13.07
N LYS B 49 -18.14 2.18 13.95
CA LYS B 49 -17.95 3.61 14.17
C LYS B 49 -17.45 4.29 12.91
N GLU B 50 -16.41 3.69 12.31
CA GLU B 50 -15.84 4.17 11.07
C GLU B 50 -16.88 4.25 9.98
N GLN B 51 -17.73 3.23 9.90
CA GLN B 51 -18.71 3.14 8.84
C GLN B 51 -19.80 4.20 8.99
N LYS B 52 -20.17 4.50 10.23
CA LYS B 52 -21.22 5.48 10.48
C LYS B 52 -20.73 6.87 10.16
N LEU B 53 -19.48 7.15 10.54
CA LEU B 53 -18.87 8.42 10.22
C LEU B 53 -18.85 8.66 8.72
N CYS B 54 -18.50 7.65 7.94
CA CYS B 54 -18.47 7.82 6.51
C CYS B 54 -19.84 8.14 5.97
N GLU B 55 -20.86 7.53 6.56
CA GLU B 55 -22.22 7.74 6.10
C GLU B 55 -22.66 9.18 6.31
N GLU B 56 -22.10 9.82 7.32
CA GLU B 56 -22.55 11.14 7.74
C GLU B 56 -21.83 12.30 7.08
N HIS B 57 -20.88 12.02 6.21
CA HIS B 57 -20.14 13.10 5.56
C HIS B 57 -20.19 12.97 4.04
N ASP B 58 -19.93 14.07 3.34
CA ASP B 58 -19.99 14.11 1.88
C ASP B 58 -18.64 13.85 1.23
N ARG B 59 -17.59 14.20 1.95
CA ARG B 59 -16.24 14.08 1.43
C ARG B 59 -15.35 13.41 2.45
N ILE B 60 -14.64 12.37 2.01
CA ILE B 60 -13.72 11.67 2.88
C ILE B 60 -12.27 11.93 2.45
N VAL B 61 -11.50 12.54 3.33
CA VAL B 61 -10.10 12.82 3.04
C VAL B 61 -9.16 11.94 3.84
N PHE B 62 -8.25 11.28 3.16
CA PHE B 62 -7.23 10.47 3.81
C PHE B 62 -5.92 11.22 3.83
N GLN B 63 -5.50 11.66 5.02
CA GLN B 63 -4.27 12.43 5.15
C GLN B 63 -3.16 11.65 5.82
N PHE B 64 -2.02 11.52 5.16
CA PHE B 64 -0.93 10.71 5.68
C PHE B 64 0.41 11.09 5.07
N PRO B 65 1.51 10.79 5.78
CA PRO B 65 2.83 10.93 5.14
C PRO B 65 3.03 9.86 4.10
N LEU B 66 3.74 10.17 3.03
CA LEU B 66 4.05 9.14 2.04
C LEU B 66 5.17 8.22 2.54
N TYR B 67 4.83 6.96 2.80
CA TYR B 67 5.82 5.97 3.20
C TYR B 67 5.97 4.91 2.13
N TRP B 68 7.17 4.77 1.62
CA TRP B 68 7.46 3.88 0.49
C TRP B 68 6.36 3.94 -0.55
N TYR B 69 6.07 5.17 -0.96
CA TYR B 69 5.18 5.48 -2.07
C TYR B 69 3.76 5.02 -1.81
N SER B 70 3.43 4.93 -0.52
CA SER B 70 2.15 4.49 -0.03
C SER B 70 1.86 5.13 1.32
N SER B 71 0.93 4.54 2.07
CA SER B 71 0.51 5.09 3.36
C SER B 71 1.11 4.34 4.53
N PRO B 72 0.93 4.87 5.75
CA PRO B 72 1.27 4.05 6.91
C PRO B 72 0.37 2.82 6.94
N PRO B 73 0.77 1.74 7.64
CA PRO B 73 0.03 0.47 7.67
C PRO B 73 -1.43 0.55 8.14
N LEU B 74 -1.75 1.42 9.09
CA LEU B 74 -3.10 1.48 9.63
C LEU B 74 -4.19 1.84 8.61
N LEU B 75 -3.88 2.69 7.63
CA LEU B 75 -4.87 3.04 6.61
C LEU B 75 -5.10 1.87 5.68
N LYS B 76 -4.05 1.11 5.43
CA LYS B 76 -4.18 -0.07 4.63
C LYS B 76 -5.08 -1.07 5.35
N LYS B 77 -4.96 -1.12 6.68
CA LYS B 77 -5.80 -2.00 7.49
C LYS B 77 -7.21 -1.42 7.58
N TRP B 78 -7.30 -0.10 7.66
CA TRP B 78 -8.59 0.59 7.61
C TRP B 78 -9.36 0.23 6.34
N LEU B 79 -8.67 0.23 5.21
CA LEU B 79 -9.32 -0.17 3.97
C LEU B 79 -9.84 -1.59 4.04
N ASP B 80 -8.98 -2.51 4.46
CA ASP B 80 -9.31 -3.93 4.52
C ASP B 80 -10.50 -4.25 5.44
N HIS B 81 -10.53 -3.61 6.61
CA HIS B 81 -11.58 -3.93 7.59
C HIS B 81 -12.83 -3.07 7.54
N VAL B 82 -12.77 -1.89 6.92
CA VAL B 82 -13.93 -1.00 6.91
C VAL B 82 -14.75 -1.12 5.64
N LEU B 83 -14.10 -1.42 4.52
CA LEU B 83 -14.82 -1.47 3.23
C LEU B 83 -15.36 -2.87 3.01
N LEU B 84 -16.53 -3.14 3.55
CA LEU B 84 -16.98 -4.52 3.57
C LEU B 84 -18.13 -4.81 2.63
N TYR B 85 -18.26 -6.08 2.27
CA TYR B 85 -19.34 -6.55 1.42
C TYR B 85 -20.68 -6.14 2.00
N GLY B 86 -21.56 -5.65 1.15
CA GLY B 86 -22.88 -5.27 1.61
C GLY B 86 -22.91 -3.88 2.20
N TRP B 87 -21.75 -3.25 2.27
CA TRP B 87 -21.72 -1.87 2.72
C TRP B 87 -21.06 -1.02 1.67
N ALA B 88 -19.79 -1.30 1.38
CA ALA B 88 -19.03 -0.51 0.43
C ALA B 88 -19.17 -1.02 -0.99
N TYR B 89 -19.38 -2.32 -1.16
CA TYR B 89 -19.62 -2.90 -2.47
C TYR B 89 -20.58 -4.08 -2.39
N GLY B 90 -20.79 -4.76 -3.51
CA GLY B 90 -21.66 -5.94 -3.55
C GLY B 90 -23.14 -5.59 -3.49
N THR B 91 -23.99 -6.62 -3.52
CA THR B 91 -25.46 -6.52 -3.67
C THR B 91 -26.07 -5.18 -3.22
N ASN B 92 -26.26 -5.01 -1.92
CA ASN B 92 -26.83 -3.77 -1.41
C ASN B 92 -25.76 -2.92 -0.80
N GLY B 93 -24.60 -2.91 -1.44
CA GLY B 93 -23.42 -2.27 -0.90
C GLY B 93 -23.09 -0.96 -1.57
N THR B 94 -23.93 0.03 -1.32
CA THR B 94 -23.83 1.31 -2.00
C THR B 94 -23.73 2.47 -1.03
N ALA B 95 -23.21 2.23 0.17
CA ALA B 95 -23.20 3.25 1.22
C ALA B 95 -22.34 4.48 0.89
N LEU B 96 -21.48 4.39 -0.13
CA LEU B 96 -20.53 5.46 -0.38
C LEU B 96 -20.60 6.02 -1.80
N ARG B 97 -21.49 5.47 -2.61
CA ARG B 97 -21.72 5.98 -3.96
C ARG B 97 -22.07 7.46 -3.96
N GLY B 98 -21.30 8.25 -4.68
CA GLY B 98 -21.61 9.66 -4.82
C GLY B 98 -20.85 10.52 -3.85
N LYS B 99 -20.19 9.90 -2.88
CA LYS B 99 -19.37 10.69 -1.99
C LYS B 99 -18.06 10.98 -2.69
N GLU B 100 -17.31 11.94 -2.17
CA GLU B 100 -16.05 12.29 -2.77
C GLU B 100 -14.89 11.72 -1.99
N PHE B 101 -13.85 11.33 -2.73
CA PHE B 101 -12.68 10.65 -2.22
C PHE B 101 -11.44 11.51 -2.52
N MET B 102 -10.74 11.96 -1.49
CA MET B 102 -9.54 12.75 -1.67
C MET B 102 -8.36 12.24 -0.82
N VAL B 103 -7.18 12.21 -1.42
CA VAL B 103 -5.95 11.91 -0.71
C VAL B 103 -5.12 13.18 -0.48
N ALA B 104 -4.57 13.34 0.72
CA ALA B 104 -3.63 14.40 1.02
C ALA B 104 -2.34 13.84 1.62
N VAL B 105 -1.27 13.80 0.81
CA VAL B 105 -0.01 13.24 1.25
C VAL B 105 1.07 14.27 1.38
N SER B 106 2.07 13.95 2.19
CA SER B 106 3.27 14.75 2.31
C SER B 106 4.46 13.87 1.94
N ALA B 107 5.30 14.34 1.05
CA ALA B 107 6.41 13.54 0.60
C ALA B 107 7.73 14.22 0.92
N GLY B 108 8.77 13.44 1.10
CA GLY B 108 10.05 13.98 1.47
C GLY B 108 10.83 14.45 0.27
N ALA B 109 10.69 13.75 -0.85
CA ALA B 109 11.37 14.11 -2.08
C ALA B 109 10.69 15.30 -2.72
N PRO B 110 11.43 16.06 -3.55
CA PRO B 110 10.91 17.21 -4.29
C PRO B 110 9.96 16.81 -5.41
N GLU B 111 9.11 17.75 -5.80
CA GLU B 111 8.15 17.57 -6.88
C GLU B 111 8.86 17.14 -8.14
N GLU B 112 10.06 17.65 -8.34
CA GLU B 112 10.84 17.35 -9.54
C GLU B 112 11.21 15.88 -9.67
N ALA B 113 11.21 15.17 -8.55
CA ALA B 113 11.57 13.76 -8.54
C ALA B 113 10.41 12.90 -9.03
N TYR B 114 9.20 13.38 -8.85
CA TYR B 114 8.02 12.60 -9.16
C TYR B 114 7.50 12.86 -10.57
N GLN B 115 8.29 12.44 -11.55
CA GLN B 115 7.95 12.47 -12.96
C GLN B 115 8.87 11.52 -13.71
N ALA B 116 8.50 11.18 -14.93
CA ALA B 116 9.24 10.21 -15.73
C ALA B 116 10.74 10.49 -15.78
N GLY B 117 11.15 11.71 -16.04
CA GLY B 117 12.58 11.95 -16.08
C GLY B 117 13.30 12.12 -14.75
N GLY B 118 12.55 12.20 -13.64
CA GLY B 118 13.11 12.48 -12.34
C GLY B 118 13.62 11.27 -11.57
N SER B 119 14.13 11.49 -10.37
CA SER B 119 14.78 10.41 -9.63
C SER B 119 13.81 9.36 -9.06
N ASN B 120 12.53 9.70 -8.93
CA ASN B 120 11.54 8.70 -8.55
C ASN B 120 10.70 8.17 -9.71
N HIS B 121 10.88 8.77 -10.89
CA HIS B 121 10.44 8.20 -12.17
C HIS B 121 8.94 8.20 -12.44
N TYR B 122 8.13 8.50 -11.44
CA TYR B 122 6.69 8.41 -11.62
C TYR B 122 6.03 9.56 -10.93
N ALA B 123 4.95 10.05 -11.53
CA ALA B 123 4.15 11.08 -10.90
C ALA B 123 3.39 10.55 -9.68
N ILE B 124 3.11 11.43 -8.74
CA ILE B 124 2.30 11.08 -7.56
C ILE B 124 0.99 10.46 -7.99
N SER B 125 0.40 11.07 -9.00
CA SER B 125 -0.82 10.60 -9.64
C SER B 125 -0.73 9.11 -10.01
N GLU B 126 0.44 8.70 -10.48
CA GLU B 126 0.69 7.30 -10.85
C GLU B 126 0.86 6.38 -9.65
N LEU B 127 1.49 6.88 -8.60
CA LEU B 127 1.79 6.07 -7.43
C LEU B 127 0.56 5.89 -6.56
N LEU B 128 -0.39 6.79 -6.68
CA LEU B 128 -1.57 6.77 -5.83
C LEU B 128 -2.67 5.97 -6.46
N ARG B 129 -2.39 5.33 -7.60
CA ARG B 129 -3.37 4.50 -8.30
C ARG B 129 -4.22 3.58 -7.43
N PRO B 130 -3.60 2.83 -6.51
CA PRO B 130 -4.44 1.94 -5.69
C PRO B 130 -5.59 2.69 -5.03
N PHE B 131 -5.32 3.88 -4.49
CA PHE B 131 -6.34 4.65 -3.82
C PHE B 131 -7.42 5.08 -4.81
N GLN B 132 -7.00 5.38 -6.03
CA GLN B 132 -7.93 5.79 -7.08
C GLN B 132 -8.80 4.62 -7.49
N ALA B 133 -8.17 3.46 -7.68
CA ALA B 133 -8.86 2.23 -8.04
C ALA B 133 -9.87 1.85 -6.97
N THR B 134 -9.49 2.11 -5.72
CA THR B 134 -10.36 1.85 -4.59
C THR B 134 -11.59 2.72 -4.66
N SER B 135 -11.35 4.02 -4.88
CA SER B 135 -12.39 4.99 -5.13
C SER B 135 -13.32 4.56 -6.27
N ASN B 136 -12.73 4.08 -7.36
CA ASN B 136 -13.54 3.64 -8.48
C ASN B 136 -14.48 2.49 -8.11
N PHE B 137 -13.98 1.54 -7.31
CA PHE B 137 -14.74 0.34 -6.99
C PHE B 137 -15.89 0.61 -6.04
N ILE B 138 -15.71 1.53 -5.10
CA ILE B 138 -16.74 1.78 -4.13
C ILE B 138 -17.71 2.87 -4.57
N GLY B 139 -17.47 3.47 -5.72
CA GLY B 139 -18.40 4.41 -6.32
C GLY B 139 -18.25 5.85 -5.87
N THR B 140 -17.12 6.18 -5.25
CA THR B 140 -16.86 7.56 -4.88
C THR B 140 -16.28 8.31 -6.06
N THR B 141 -16.26 9.63 -5.95
CA THR B 141 -15.74 10.53 -6.95
C THR B 141 -14.31 10.94 -6.60
N TYR B 142 -13.36 10.58 -7.43
CA TYR B 142 -11.97 10.81 -7.10
C TYR B 142 -11.57 12.26 -7.36
N LEU B 143 -11.16 12.95 -6.30
CA LEU B 143 -10.77 14.34 -6.36
C LEU B 143 -9.27 14.48 -6.51
N PRO B 144 -8.79 15.57 -7.10
CA PRO B 144 -7.33 15.66 -7.18
C PRO B 144 -6.74 15.77 -5.80
N PRO B 145 -5.65 15.05 -5.56
CA PRO B 145 -5.00 15.01 -4.25
C PRO B 145 -4.41 16.35 -3.86
N TYR B 146 -4.26 16.58 -2.57
CA TYR B 146 -3.37 17.63 -2.15
C TYR B 146 -2.01 16.99 -1.87
N VAL B 147 -0.96 17.60 -2.41
CA VAL B 147 0.38 17.10 -2.23
C VAL B 147 1.34 18.17 -1.76
N PHE B 148 2.10 17.86 -0.71
CA PHE B 148 3.11 18.76 -0.22
C PHE B 148 4.46 18.07 -0.34
N TYR B 149 5.37 18.65 -1.11
CA TYR B 149 6.67 18.03 -1.37
C TYR B 149 7.77 18.61 -0.48
N GLN B 150 8.93 17.97 -0.51
CA GLN B 150 10.04 18.32 0.35
C GLN B 150 9.62 18.48 1.80
N ALA B 151 8.86 17.52 2.32
CA ALA B 151 8.31 17.59 3.68
C ALA B 151 9.37 17.83 4.76
N GLY B 152 10.46 17.09 4.70
CA GLY B 152 11.51 17.27 5.68
C GLY B 152 12.51 18.39 5.44
N THR B 153 12.54 18.95 4.22
CA THR B 153 13.58 19.91 3.89
C THR B 153 13.11 21.20 3.20
N ALA B 154 11.80 21.35 3.03
CA ALA B 154 11.28 22.59 2.47
C ALA B 154 11.64 23.76 3.37
N GLY B 155 11.52 24.97 2.83
CA GLY B 155 12.03 26.14 3.52
C GLY B 155 11.00 26.95 4.27
N LYS B 156 11.26 27.14 5.56
CA LYS B 156 10.65 28.21 6.34
C LYS B 156 9.17 28.38 6.12
N SER B 157 8.89 29.22 5.13
CA SER B 157 7.58 29.70 4.82
C SER B 157 6.94 28.91 3.68
N GLU B 158 7.60 27.85 3.23
CA GLU B 158 6.94 26.90 2.34
C GLU B 158 5.94 26.10 3.14
N LEU B 159 6.31 25.76 4.37
CA LEU B 159 5.49 24.93 5.24
C LEU B 159 4.14 25.57 5.55
N ALA B 160 4.13 26.76 6.13
CA ALA B 160 2.88 27.38 6.51
C ALA B 160 2.05 27.70 5.28
N GLU B 161 2.73 28.09 4.21
CA GLU B 161 2.11 28.32 2.93
C GLU B 161 1.33 27.09 2.50
N GLY B 162 2.00 25.94 2.54
CA GLY B 162 1.37 24.68 2.22
C GLY B 162 0.33 24.26 3.24
N ALA B 163 0.49 24.73 4.47
CA ALA B 163 -0.50 24.48 5.49
C ALA B 163 -1.81 25.18 5.14
N THR B 164 -1.72 26.45 4.76
CA THR B 164 -2.92 27.19 4.43
C THR B 164 -3.53 26.71 3.10
N GLN B 165 -2.70 26.18 2.21
CA GLN B 165 -3.22 25.70 0.93
C GLN B 165 -3.89 24.34 1.02
N TYR B 166 -3.42 23.52 1.95
CA TYR B 166 -4.06 22.24 2.25
C TYR B 166 -5.50 22.49 2.67
N ARG B 167 -5.69 23.44 3.55
CA ARG B 167 -7.01 23.85 4.04
C ARG B 167 -7.93 24.27 2.91
N GLU B 168 -7.44 25.09 2.00
CA GLU B 168 -8.23 25.58 0.88
C GLU B 168 -8.62 24.44 -0.05
N HIS B 169 -7.70 23.51 -0.29
CA HIS B 169 -7.95 22.38 -1.16
C HIS B 169 -8.99 21.41 -0.58
N VAL B 170 -9.01 21.27 0.74
CA VAL B 170 -9.94 20.35 1.38
C VAL B 170 -11.37 20.90 1.32
N LEU B 171 -11.52 22.20 1.55
CA LEU B 171 -12.83 22.87 1.52
C LEU B 171 -13.26 23.25 0.12
N LYS B 172 -12.34 23.17 -0.82
CA LYS B 172 -12.57 23.57 -2.20
C LYS B 172 -13.72 22.77 -2.82
N SER B 173 -14.37 23.37 -3.80
CA SER B 173 -15.39 22.69 -4.58
C SER B 173 -14.84 22.39 -5.96
N PHE B 174 -15.32 21.31 -6.59
CA PHE B 174 -14.77 20.88 -7.86
C PHE B 174 -15.84 20.71 -8.92
#